data_1KIX
#
_entry.id   1KIX
#
_cell.length_a   284.000
_cell.length_b   284.000
_cell.length_c   284.000
_cell.angle_alpha   90.00
_cell.angle_beta   90.00
_cell.angle_gamma   90.00
#
_symmetry.space_group_name_H-M   'F 4 3 2'
#
loop_
_entity.id
_entity.type
_entity.pdbx_description
1 polymer "5'-D(*T*TP*TP*TP*GP*GP*GP*G)-3'"
2 polymer 'Telomere-Binding Protein alpha Subunit'
3 non-polymer 'SULFATE ION'
4 water water
#
loop_
_entity_poly.entity_id
_entity_poly.type
_entity_poly.pdbx_seq_one_letter_code
_entity_poly.pdbx_strand_id
1 'polydeoxyribonucleotide' (DT)(DT)(DT)(DT)(DG)(DG)(DG)(DG) D
2 'polypeptide(L)'
;MSTAAKQNRSTSRVSKKKTAAPKEGAAKKSDKGHKYEYVELAKASLTSAQPQHFYAVVIDATFPYKTNQERYICSLKIVD
PTLYLKQQKGAGDASDYATLVLYAKRFEDLPIIHRAGDIIRVHRATLRLYNGQRQFNANVFYSSSWALFSTDKRSVTQEI
NNQDAVSDTTPFSFSSKHATIEKNEISILQNLRKWANQYFSSYSVISSDMYTALNKAQAQKGDFDVVAKILQVHELDEYT
NELKLKDASGQVFYTLSLKLKFPHVRTGEVVRIRSATYDETSTQKKVLILSHYSNIITFIQSSKLAKELRAKIQDDHSVE
VASLKKNVSLNAVVLTEVDKKHAALPSTSLQDLFHHADSDKELQAQDTFRTQFYVTKIEPSDVKEWVKGYDRKTKKSSSL
KGASGKGDNIFQVQFLVKDASTQLNNNTYRVLLYTQDGLGANFFNVKADNLHKNADARKKLEDSAELLTKFNSYVDAVVE
RRNGFYLIKDTKLIY
;
A
#
# COMPACT_ATOMS: atom_id res chain seq x y z
N TYR B 36 -21.94 -21.02 -18.01
CA TYR B 36 -21.92 -19.62 -17.57
C TYR B 36 -21.06 -18.71 -18.43
N GLU B 37 -21.67 -17.68 -19.02
CA GLU B 37 -20.93 -16.74 -19.84
C GLU B 37 -20.86 -15.38 -19.14
N TYR B 38 -19.68 -14.78 -19.11
CA TYR B 38 -19.50 -13.50 -18.43
C TYR B 38 -19.30 -12.34 -19.40
N VAL B 39 -19.82 -11.18 -19.01
CA VAL B 39 -19.70 -9.99 -19.82
C VAL B 39 -19.03 -8.89 -19.01
N GLU B 40 -18.29 -8.01 -19.69
CA GLU B 40 -17.60 -6.92 -19.00
C GLU B 40 -18.61 -5.82 -18.72
N LEU B 41 -18.41 -5.11 -17.61
CA LEU B 41 -19.32 -4.07 -17.18
C LEU B 41 -19.86 -3.10 -18.22
N ALA B 42 -18.98 -2.55 -19.06
CA ALA B 42 -19.41 -1.58 -20.06
C ALA B 42 -20.13 -2.21 -21.25
N LYS B 43 -20.06 -3.53 -21.36
CA LYS B 43 -20.70 -4.22 -22.46
C LYS B 43 -21.96 -4.99 -22.07
N ALA B 44 -22.30 -5.00 -20.79
CA ALA B 44 -23.48 -5.72 -20.35
C ALA B 44 -24.68 -5.11 -21.05
N SER B 45 -25.61 -5.96 -21.48
CA SER B 45 -26.81 -5.48 -22.18
C SER B 45 -27.72 -4.71 -21.22
N LEU B 46 -28.28 -3.61 -21.69
CA LEU B 46 -29.14 -2.82 -20.83
C LEU B 46 -30.55 -3.40 -20.77
N THR B 47 -30.77 -4.29 -19.80
CA THR B 47 -32.06 -4.95 -19.60
C THR B 47 -32.14 -5.68 -18.25
N SER B 48 -33.36 -5.92 -17.78
CA SER B 48 -33.57 -6.65 -16.52
C SER B 48 -34.37 -7.90 -16.86
N ALA B 49 -34.29 -8.30 -18.13
CA ALA B 49 -34.97 -9.47 -18.67
C ALA B 49 -34.05 -10.67 -18.77
N GLN B 50 -32.87 -10.49 -19.34
CA GLN B 50 -31.96 -11.60 -19.47
C GLN B 50 -30.88 -11.50 -18.40
N PRO B 51 -30.73 -12.56 -17.58
CA PRO B 51 -29.74 -12.57 -16.51
C PRO B 51 -28.32 -12.52 -17.04
N GLN B 52 -27.51 -11.63 -16.46
CA GLN B 52 -26.12 -11.49 -16.86
C GLN B 52 -25.18 -11.84 -15.71
N HIS B 53 -23.93 -12.18 -16.05
CA HIS B 53 -22.94 -12.58 -15.08
C HIS B 53 -21.65 -11.85 -15.34
N PHE B 54 -20.89 -11.57 -14.29
CA PHE B 54 -19.65 -10.85 -14.46
C PHE B 54 -18.68 -10.97 -13.30
N TYR B 55 -17.45 -10.56 -13.56
CA TYR B 55 -16.40 -10.53 -12.57
C TYR B 55 -16.04 -9.06 -12.56
N ALA B 56 -15.86 -8.47 -11.39
CA ALA B 56 -15.50 -7.07 -11.32
C ALA B 56 -14.67 -6.77 -10.08
N VAL B 57 -14.06 -5.60 -10.10
CA VAL B 57 -13.22 -5.13 -9.02
C VAL B 57 -14.04 -4.16 -8.17
N VAL B 58 -14.11 -4.44 -6.87
CA VAL B 58 -14.84 -3.60 -5.94
C VAL B 58 -14.00 -2.41 -5.50
N ILE B 59 -14.58 -1.21 -5.48
CA ILE B 59 -13.81 -0.05 -5.03
C ILE B 59 -14.53 0.61 -3.85
N ASP B 60 -15.70 0.11 -3.51
CA ASP B 60 -16.46 0.63 -2.39
C ASP B 60 -17.58 -0.32 -2.05
N ALA B 61 -17.91 -0.41 -0.76
CA ALA B 61 -18.99 -1.29 -0.31
C ALA B 61 -19.43 -0.93 1.08
N THR B 62 -20.74 -0.94 1.30
CA THR B 62 -21.30 -0.66 2.60
C THR B 62 -21.24 -2.02 3.30
N PHE B 63 -21.47 -2.02 4.60
CA PHE B 63 -21.49 -3.28 5.34
C PHE B 63 -22.91 -3.79 5.02
N PRO B 64 -23.15 -5.10 5.12
CA PRO B 64 -24.52 -5.55 4.83
C PRO B 64 -25.45 -4.96 5.89
N TYR B 65 -26.64 -4.53 5.49
CA TYR B 65 -27.54 -3.95 6.48
C TYR B 65 -29.03 -4.15 6.18
N LYS B 66 -29.83 -4.13 7.24
CA LYS B 66 -31.27 -4.28 7.15
C LYS B 66 -31.87 -2.94 6.75
N THR B 67 -32.57 -2.92 5.62
CA THR B 67 -33.17 -1.69 5.13
C THR B 67 -34.65 -1.66 5.49
N ASN B 68 -35.24 -2.84 5.59
CA ASN B 68 -36.64 -3.01 5.94
C ASN B 68 -36.79 -4.36 6.59
N GLN B 69 -38.02 -4.72 6.96
CA GLN B 69 -38.23 -6.01 7.57
C GLN B 69 -38.04 -7.05 6.48
N GLU B 70 -37.33 -8.12 6.81
CA GLU B 70 -37.04 -9.22 5.86
C GLU B 70 -36.39 -8.74 4.56
N ARG B 71 -35.65 -7.64 4.61
CA ARG B 71 -34.99 -7.13 3.41
C ARG B 71 -33.62 -6.48 3.68
N TYR B 72 -32.55 -7.20 3.35
CA TYR B 72 -31.19 -6.72 3.55
C TYR B 72 -30.52 -6.24 2.27
N ILE B 73 -29.56 -5.33 2.41
CA ILE B 73 -28.87 -4.76 1.26
C ILE B 73 -27.37 -4.48 1.42
N CYS B 74 -26.64 -4.64 0.33
CA CYS B 74 -25.21 -4.32 0.31
C CYS B 74 -24.98 -3.53 -0.98
N SER B 75 -24.56 -2.28 -0.84
CA SER B 75 -24.33 -1.41 -2.00
C SER B 75 -22.85 -1.34 -2.30
N LEU B 76 -22.51 -1.49 -3.58
CA LEU B 76 -21.11 -1.46 -4.02
C LEU B 76 -20.84 -0.60 -5.25
N LYS B 77 -19.57 -0.25 -5.42
CA LYS B 77 -19.11 0.51 -6.57
C LYS B 77 -18.08 -0.43 -7.20
N ILE B 78 -18.24 -0.69 -8.49
CA ILE B 78 -17.34 -1.61 -9.17
C ILE B 78 -16.76 -1.06 -10.46
N VAL B 79 -15.60 -1.58 -10.83
CA VAL B 79 -14.91 -1.18 -12.05
C VAL B 79 -14.32 -2.42 -12.70
N ASP B 80 -13.95 -2.31 -13.96
CA ASP B 80 -13.31 -3.38 -14.70
C ASP B 80 -12.58 -2.76 -15.91
N PRO B 81 -11.75 -3.55 -16.62
CA PRO B 81 -11.02 -2.98 -17.77
C PRO B 81 -11.84 -2.15 -18.76
N THR B 82 -13.15 -2.36 -18.84
CA THR B 82 -13.99 -1.60 -19.78
C THR B 82 -14.65 -0.37 -19.17
N LEU B 83 -14.59 -0.25 -17.85
CA LEU B 83 -15.21 0.86 -17.14
C LEU B 83 -14.45 1.15 -15.85
N TYR B 84 -13.69 2.24 -15.82
CA TYR B 84 -12.91 2.58 -14.63
C TYR B 84 -12.50 4.05 -14.55
N LEU B 85 -12.17 4.49 -13.33
CA LEU B 85 -11.77 5.86 -13.07
C LEU B 85 -10.33 6.11 -13.50
N LYS B 86 -10.09 7.19 -14.22
CA LYS B 86 -8.74 7.49 -14.73
C LYS B 86 -8.05 8.73 -14.18
N GLN B 87 -8.72 9.49 -13.33
CA GLN B 87 -8.10 10.71 -12.78
C GLN B 87 -7.02 10.38 -11.73
N GLN B 88 -5.99 11.22 -11.66
CA GLN B 88 -4.94 11.01 -10.68
C GLN B 88 -5.26 11.81 -9.43
N LYS B 89 -6.04 12.87 -9.61
CA LYS B 89 -6.46 13.71 -8.50
C LYS B 89 -7.69 14.52 -8.92
N GLY B 90 -8.48 14.96 -7.94
CA GLY B 90 -9.68 15.73 -8.25
C GLY B 90 -10.90 14.83 -8.37
N ALA B 91 -12.02 15.42 -8.77
CA ALA B 91 -13.29 14.71 -8.90
C ALA B 91 -13.25 13.53 -9.87
N GLY B 92 -14.07 12.52 -9.56
CA GLY B 92 -14.15 11.35 -10.41
C GLY B 92 -15.38 11.40 -11.28
N ASP B 93 -15.26 10.93 -12.52
CA ASP B 93 -16.39 10.92 -13.45
C ASP B 93 -17.31 9.78 -13.08
N ALA B 94 -18.52 10.09 -12.62
CA ALA B 94 -19.49 9.08 -12.22
C ALA B 94 -19.82 8.06 -13.31
N SER B 95 -19.56 8.41 -14.57
CA SER B 95 -19.87 7.48 -15.64
C SER B 95 -18.70 6.52 -15.91
N ASP B 96 -17.63 6.64 -15.12
CA ASP B 96 -16.49 5.78 -15.30
C ASP B 96 -16.38 4.59 -14.35
N TYR B 97 -17.45 4.36 -13.60
CA TYR B 97 -17.52 3.21 -12.70
C TYR B 97 -18.99 2.86 -12.63
N ALA B 98 -19.29 1.64 -12.18
CA ALA B 98 -20.68 1.23 -12.09
C ALA B 98 -20.98 0.87 -10.66
N THR B 99 -22.27 0.74 -10.35
CA THR B 99 -22.64 0.39 -8.99
C THR B 99 -23.29 -0.98 -9.02
N LEU B 100 -23.42 -1.59 -7.86
CA LEU B 100 -24.02 -2.90 -7.72
C LEU B 100 -24.80 -2.92 -6.41
N VAL B 101 -26.04 -3.35 -6.49
CA VAL B 101 -26.88 -3.43 -5.29
C VAL B 101 -27.28 -4.89 -5.12
N LEU B 102 -26.83 -5.49 -4.03
CA LEU B 102 -27.17 -6.88 -3.75
C LEU B 102 -28.33 -6.92 -2.77
N TYR B 103 -29.32 -7.76 -3.05
CA TYR B 103 -30.48 -7.89 -2.17
C TYR B 103 -30.59 -9.29 -1.61
N ALA B 104 -30.96 -9.37 -0.34
CA ALA B 104 -31.12 -10.65 0.33
C ALA B 104 -32.19 -10.47 1.41
N LYS B 105 -32.67 -11.58 1.97
CA LYS B 105 -33.69 -11.50 3.01
C LYS B 105 -33.12 -11.77 4.39
N ARG B 106 -31.82 -12.04 4.43
CA ARG B 106 -31.11 -12.26 5.68
C ARG B 106 -29.70 -11.69 5.57
N PHE B 107 -29.19 -11.20 6.69
CA PHE B 107 -27.85 -10.63 6.76
C PHE B 107 -26.79 -11.56 6.18
N GLU B 108 -26.78 -12.81 6.64
CA GLU B 108 -25.80 -13.81 6.22
C GLU B 108 -25.71 -14.13 4.73
N ASP B 109 -26.61 -13.61 3.90
CA ASP B 109 -26.52 -13.91 2.48
C ASP B 109 -25.79 -12.87 1.68
N LEU B 110 -25.40 -11.79 2.35
CA LEU B 110 -24.68 -10.73 1.68
C LEU B 110 -23.19 -10.80 2.03
N PRO B 111 -22.35 -10.26 1.15
CA PRO B 111 -20.90 -10.26 1.36
C PRO B 111 -20.39 -9.13 2.24
N ILE B 112 -19.34 -9.43 3.00
CA ILE B 112 -18.69 -8.44 3.84
C ILE B 112 -17.36 -8.20 3.12
N ILE B 113 -17.20 -7.00 2.55
CA ILE B 113 -16.01 -6.67 1.81
C ILE B 113 -15.08 -5.72 2.58
N HIS B 114 -13.87 -6.20 2.88
CA HIS B 114 -12.89 -5.44 3.65
C HIS B 114 -11.90 -4.60 2.85
N ARG B 115 -11.52 -5.13 1.69
CA ARG B 115 -10.48 -4.53 0.87
C ARG B 115 -10.89 -3.99 -0.48
N ALA B 116 -10.67 -2.69 -0.70
CA ALA B 116 -10.95 -2.13 -2.02
C ALA B 116 -9.86 -2.73 -2.89
N GLY B 117 -10.23 -3.26 -4.05
CA GLY B 117 -9.24 -3.88 -4.92
C GLY B 117 -9.50 -5.36 -5.06
N ASP B 118 -10.32 -5.91 -4.18
CA ASP B 118 -10.64 -7.33 -4.25
C ASP B 118 -11.65 -7.53 -5.36
N ILE B 119 -11.82 -8.78 -5.77
CA ILE B 119 -12.71 -9.11 -6.86
C ILE B 119 -14.00 -9.82 -6.45
N ILE B 120 -15.08 -9.50 -7.14
CA ILE B 120 -16.38 -10.11 -6.87
C ILE B 120 -16.94 -10.73 -8.15
N ARG B 121 -17.54 -11.91 -8.02
CA ARG B 121 -18.14 -12.59 -9.16
C ARG B 121 -19.62 -12.70 -8.87
N VAL B 122 -20.44 -12.16 -9.77
CA VAL B 122 -21.88 -12.18 -9.62
C VAL B 122 -22.55 -13.02 -10.69
N HIS B 123 -23.45 -13.89 -10.26
CA HIS B 123 -24.23 -14.72 -11.18
C HIS B 123 -25.66 -14.24 -11.14
N ARG B 124 -26.23 -14.03 -12.32
CA ARG B 124 -27.61 -13.59 -12.46
C ARG B 124 -27.89 -12.19 -11.95
N ALA B 125 -27.34 -11.20 -12.64
CA ALA B 125 -27.56 -9.82 -12.24
C ALA B 125 -28.28 -9.09 -13.36
N THR B 126 -29.07 -8.07 -13.01
CA THR B 126 -29.76 -7.27 -14.00
C THR B 126 -29.06 -5.94 -14.05
N LEU B 127 -29.26 -5.19 -15.11
CA LEU B 127 -28.63 -3.90 -15.26
C LEU B 127 -29.66 -2.84 -15.60
N ARG B 128 -29.55 -1.69 -14.97
CA ARG B 128 -30.47 -0.60 -15.25
C ARG B 128 -29.75 0.71 -14.99
N LEU B 129 -30.28 1.79 -15.54
CA LEU B 129 -29.67 3.08 -15.33
C LEU B 129 -30.30 3.72 -14.10
N TYR B 130 -29.45 4.23 -13.22
CA TYR B 130 -29.92 4.91 -12.01
C TYR B 130 -29.00 6.10 -11.75
N ASN B 131 -29.59 7.28 -11.59
CA ASN B 131 -28.82 8.49 -11.37
C ASN B 131 -27.66 8.63 -12.36
N GLY B 132 -27.91 8.23 -13.60
CA GLY B 132 -26.92 8.34 -14.66
C GLY B 132 -25.80 7.33 -14.69
N GLN B 133 -25.94 6.23 -13.95
CA GLN B 133 -24.90 5.20 -13.92
C GLN B 133 -25.43 3.80 -14.19
N ARG B 134 -24.54 2.92 -14.64
CA ARG B 134 -24.92 1.54 -14.88
C ARG B 134 -25.03 0.93 -13.49
N GLN B 135 -26.23 0.48 -13.14
CA GLN B 135 -26.46 -0.11 -11.83
C GLN B 135 -26.88 -1.56 -11.94
N PHE B 136 -25.99 -2.46 -11.54
CA PHE B 136 -26.28 -3.88 -11.58
C PHE B 136 -27.02 -4.25 -10.31
N ASN B 137 -28.03 -5.10 -10.46
CA ASN B 137 -28.82 -5.55 -9.35
C ASN B 137 -28.80 -7.07 -9.30
N ALA B 138 -28.97 -7.62 -8.11
CA ALA B 138 -28.94 -9.06 -7.95
C ALA B 138 -29.65 -9.49 -6.68
N ASN B 139 -30.69 -10.31 -6.83
CA ASN B 139 -31.45 -10.81 -5.70
C ASN B 139 -30.89 -12.15 -5.27
N VAL B 140 -30.16 -12.15 -4.16
CA VAL B 140 -29.59 -13.38 -3.67
C VAL B 140 -30.71 -14.27 -3.15
N PHE B 141 -31.80 -13.64 -2.70
CA PHE B 141 -32.94 -14.39 -2.18
C PHE B 141 -33.70 -15.10 -3.28
N TYR B 142 -33.38 -14.79 -4.54
CA TYR B 142 -34.01 -15.46 -5.65
C TYR B 142 -33.03 -16.51 -6.13
N SER B 143 -32.20 -16.19 -7.12
CA SER B 143 -31.24 -17.17 -7.61
C SER B 143 -29.87 -16.58 -7.92
N SER B 144 -29.65 -15.33 -7.52
CA SER B 144 -28.38 -14.68 -7.76
C SER B 144 -27.37 -15.10 -6.71
N SER B 145 -26.10 -15.05 -7.08
CA SER B 145 -25.06 -15.42 -6.14
C SER B 145 -23.86 -14.50 -6.31
N TRP B 146 -22.99 -14.49 -5.31
CA TRP B 146 -21.78 -13.68 -5.36
C TRP B 146 -20.61 -14.49 -4.77
N ALA B 147 -19.40 -14.08 -5.13
CA ALA B 147 -18.21 -14.74 -4.62
C ALA B 147 -17.06 -13.74 -4.60
N LEU B 148 -16.31 -13.74 -3.49
CA LEU B 148 -15.19 -12.83 -3.32
C LEU B 148 -13.84 -13.51 -3.52
N PHE B 149 -12.98 -12.90 -4.32
CA PHE B 149 -11.66 -13.44 -4.58
C PHE B 149 -10.58 -12.46 -4.15
N SER B 150 -9.60 -12.97 -3.42
CA SER B 150 -8.51 -12.12 -2.96
C SER B 150 -7.62 -11.68 -4.14
N THR B 151 -7.34 -10.38 -4.21
CA THR B 151 -6.51 -9.82 -5.28
C THR B 151 -5.06 -9.62 -4.84
N ASP B 152 -4.81 -9.66 -3.55
CA ASP B 152 -3.46 -9.46 -3.04
C ASP B 152 -2.55 -10.67 -3.23
N LYS B 153 -1.39 -10.43 -3.84
CA LYS B 153 -0.40 -11.46 -4.10
C LYS B 153 0.30 -11.98 -2.84
N ARG B 154 0.73 -11.07 -1.98
CA ARG B 154 1.41 -11.47 -0.75
C ARG B 154 0.46 -11.44 0.44
N SER B 155 0.92 -11.99 1.57
CA SER B 155 0.12 -12.05 2.78
C SER B 155 -0.05 -10.67 3.43
N VAL B 156 -0.78 -10.63 4.54
CA VAL B 156 -1.06 -9.39 5.26
C VAL B 156 0.24 -8.70 5.66
N THR B 157 1.13 -9.45 6.31
CA THR B 157 2.41 -8.90 6.74
C THR B 157 3.30 -8.62 5.55
N GLN B 158 2.83 -8.98 4.36
CA GLN B 158 3.59 -8.74 3.15
C GLN B 158 4.78 -9.72 3.12
N GLU B 159 4.85 -10.61 4.11
CA GLU B 159 5.96 -11.55 4.23
C GLU B 159 6.05 -12.72 3.24
N ILE B 160 4.93 -13.30 2.82
CA ILE B 160 5.01 -14.42 1.88
C ILE B 160 4.07 -14.32 0.68
N ASN B 161 4.23 -15.27 -0.24
CA ASN B 161 3.44 -15.33 -1.46
C ASN B 161 2.25 -16.27 -1.27
N ASN B 162 1.06 -15.74 -1.51
CA ASN B 162 -0.17 -16.54 -1.37
C ASN B 162 -0.73 -16.97 -2.73
N GLN B 163 0.12 -16.98 -3.76
CA GLN B 163 -0.34 -17.38 -5.08
C GLN B 163 -0.04 -18.86 -5.29
N ASP B 168 -5.80 -20.23 -4.67
CA ASP B 168 -5.99 -18.88 -5.16
C ASP B 168 -6.97 -18.81 -6.33
N THR B 169 -7.57 -19.95 -6.66
CA THR B 169 -8.53 -20.00 -7.75
C THR B 169 -9.90 -20.25 -7.15
N THR B 170 -9.96 -20.15 -5.82
CA THR B 170 -11.21 -20.37 -5.10
C THR B 170 -11.57 -19.13 -4.28
N PRO B 171 -12.87 -18.82 -4.21
CA PRO B 171 -13.34 -17.65 -3.45
C PRO B 171 -13.10 -17.86 -1.97
N PHE B 172 -12.84 -16.80 -1.22
CA PHE B 172 -12.65 -16.96 0.22
C PHE B 172 -13.99 -16.78 0.92
N SER B 173 -14.95 -16.23 0.20
CA SER B 173 -16.29 -15.99 0.73
C SER B 173 -17.30 -16.07 -0.43
N PHE B 174 -18.44 -16.72 -0.20
CA PHE B 174 -19.45 -16.89 -1.25
C PHE B 174 -20.84 -17.18 -0.70
N SER B 175 -21.86 -16.86 -1.50
CA SER B 175 -23.25 -17.03 -1.09
C SER B 175 -23.84 -18.43 -1.19
N SER B 176 -23.45 -19.19 -2.22
CA SER B 176 -23.96 -20.54 -2.38
C SER B 176 -23.05 -21.57 -1.74
N LYS B 177 -23.41 -22.84 -1.85
CA LYS B 177 -22.60 -23.92 -1.31
C LYS B 177 -21.57 -24.26 -2.38
N HIS B 178 -21.85 -23.76 -3.58
CA HIS B 178 -21.01 -23.97 -4.76
C HIS B 178 -19.71 -23.16 -4.68
N ALA B 179 -18.82 -23.58 -3.79
CA ALA B 179 -17.55 -22.92 -3.55
C ALA B 179 -16.49 -23.09 -4.64
N THR B 180 -16.86 -23.59 -5.81
CA THR B 180 -15.86 -23.79 -6.87
C THR B 180 -16.08 -23.02 -8.17
N ILE B 181 -14.97 -22.84 -8.89
CA ILE B 181 -14.90 -22.11 -10.15
C ILE B 181 -14.75 -23.06 -11.35
N GLU B 182 -15.18 -22.61 -12.52
CA GLU B 182 -15.09 -23.41 -13.75
C GLU B 182 -13.81 -23.10 -14.51
N LYS B 183 -13.50 -23.91 -15.52
CA LYS B 183 -12.29 -23.72 -16.32
C LYS B 183 -12.26 -22.40 -17.07
N ASN B 184 -13.34 -22.09 -17.77
CA ASN B 184 -13.40 -20.86 -18.55
C ASN B 184 -13.24 -19.62 -17.67
N GLU B 185 -13.51 -19.78 -16.38
CA GLU B 185 -13.39 -18.67 -15.44
C GLU B 185 -11.95 -18.37 -15.05
N ILE B 186 -11.15 -19.42 -14.89
CA ILE B 186 -9.76 -19.28 -14.49
C ILE B 186 -9.02 -18.13 -15.16
N SER B 187 -9.05 -18.08 -16.48
CA SER B 187 -8.37 -17.01 -17.20
C SER B 187 -8.98 -15.65 -16.85
N ILE B 188 -10.31 -15.60 -16.76
CA ILE B 188 -10.99 -14.35 -16.44
C ILE B 188 -10.51 -13.81 -15.11
N LEU B 189 -10.52 -14.65 -14.08
CA LEU B 189 -10.08 -14.26 -12.75
C LEU B 189 -8.61 -13.87 -12.72
N GLN B 190 -7.77 -14.70 -13.33
CA GLN B 190 -6.34 -14.41 -13.35
C GLN B 190 -6.04 -13.09 -14.03
N ASN B 191 -6.73 -12.81 -15.14
CA ASN B 191 -6.50 -11.56 -15.85
C ASN B 191 -7.02 -10.34 -15.11
N LEU B 192 -8.18 -10.49 -14.46
CA LEU B 192 -8.75 -9.37 -13.72
C LEU B 192 -7.85 -9.00 -12.53
N ARG B 193 -7.26 -10.02 -11.92
CA ARG B 193 -6.36 -9.79 -10.81
C ARG B 193 -5.19 -8.94 -11.27
N LYS B 194 -4.53 -9.42 -12.32
CA LYS B 194 -3.39 -8.71 -12.88
C LYS B 194 -3.77 -7.27 -13.18
N TRP B 195 -4.94 -7.09 -13.78
CA TRP B 195 -5.41 -5.77 -14.13
C TRP B 195 -5.67 -4.91 -12.90
N ALA B 196 -6.32 -5.49 -11.91
CA ALA B 196 -6.63 -4.78 -10.68
C ALA B 196 -5.37 -4.20 -10.05
N ASN B 197 -4.37 -5.05 -9.88
CA ASN B 197 -3.11 -4.60 -9.28
C ASN B 197 -2.46 -3.52 -10.14
N GLN B 198 -2.37 -3.76 -11.44
CA GLN B 198 -1.79 -2.77 -12.33
C GLN B 198 -2.57 -1.46 -12.23
N TYR B 199 -3.88 -1.57 -12.19
CA TYR B 199 -4.75 -0.40 -12.09
C TYR B 199 -4.53 0.41 -10.82
N PHE B 200 -4.61 -0.24 -9.66
CA PHE B 200 -4.44 0.48 -8.40
C PHE B 200 -3.06 1.07 -8.20
N SER B 201 -2.04 0.46 -8.83
CA SER B 201 -0.69 0.99 -8.68
C SER B 201 -0.43 2.14 -9.63
N SER B 202 -1.32 2.32 -10.61
CA SER B 202 -1.17 3.38 -11.60
C SER B 202 -2.12 4.54 -11.38
N TYR B 203 -3.24 4.26 -10.72
CA TYR B 203 -4.21 5.31 -10.47
C TYR B 203 -4.62 5.41 -9.02
N SER B 204 -5.12 6.57 -8.65
CA SER B 204 -5.59 6.78 -7.29
C SER B 204 -6.84 5.95 -7.08
N VAL B 205 -7.61 5.78 -8.15
CA VAL B 205 -8.85 5.04 -8.15
C VAL B 205 -9.90 5.83 -7.36
N ILE B 206 -9.76 5.87 -6.04
CA ILE B 206 -10.70 6.64 -5.20
C ILE B 206 -10.50 8.14 -5.44
N SER B 207 -11.53 8.79 -5.98
CA SER B 207 -11.45 10.22 -6.27
C SER B 207 -11.75 11.11 -5.07
N SER B 208 -11.44 12.39 -5.20
CA SER B 208 -11.63 13.35 -4.11
C SER B 208 -13.08 13.56 -3.71
N ASP B 209 -14.02 13.26 -4.60
CA ASP B 209 -15.42 13.43 -4.25
C ASP B 209 -15.94 12.22 -3.47
N MET B 210 -15.11 11.21 -3.29
CA MET B 210 -15.54 10.03 -2.56
C MET B 210 -15.14 10.09 -1.08
N TYR B 211 -14.74 11.28 -0.64
CA TYR B 211 -14.38 11.50 0.76
C TYR B 211 -14.26 12.99 1.07
N THR B 212 -14.35 13.31 2.37
CA THR B 212 -14.25 14.67 2.85
C THR B 212 -13.00 14.81 3.69
N ALA B 213 -12.21 15.85 3.46
CA ALA B 213 -11.01 16.05 4.28
C ALA B 213 -11.46 16.26 5.73
N LEU B 214 -10.73 15.68 6.68
CA LEU B 214 -11.12 15.83 8.08
C LEU B 214 -11.25 17.26 8.60
N ASN B 215 -10.55 18.21 7.99
CA ASN B 215 -10.65 19.60 8.43
C ASN B 215 -12.00 20.19 7.98
N LYS B 216 -12.73 19.48 7.13
CA LYS B 216 -14.02 19.95 6.65
C LYS B 216 -15.15 19.11 7.23
N ALA B 217 -14.79 18.10 8.00
CA ALA B 217 -15.77 17.19 8.59
C ALA B 217 -16.80 17.81 9.54
N GLN B 218 -16.35 18.62 10.49
CA GLN B 218 -17.26 19.23 11.45
C GLN B 218 -18.35 20.03 10.77
N ALA B 219 -18.05 20.56 9.60
CA ALA B 219 -18.99 21.36 8.83
C ALA B 219 -20.00 20.58 7.98
N GLN B 220 -19.78 19.27 7.81
CA GLN B 220 -20.70 18.46 7.02
C GLN B 220 -22.12 18.39 7.57
N LYS B 221 -23.10 18.42 6.68
CA LYS B 221 -24.49 18.35 7.09
C LYS B 221 -24.82 17.00 7.70
N GLY B 222 -24.70 15.93 6.93
CA GLY B 222 -24.99 14.60 7.45
C GLY B 222 -23.75 13.72 7.56
N ASP B 223 -23.83 12.48 7.10
CA ASP B 223 -22.68 11.57 7.15
C ASP B 223 -21.76 11.90 5.99
N PHE B 224 -20.56 11.35 6.00
CA PHE B 224 -19.57 11.58 4.96
C PHE B 224 -18.53 10.47 4.99
N ASP B 225 -17.64 10.45 4.00
CA ASP B 225 -16.61 9.42 3.92
C ASP B 225 -15.24 9.97 4.25
N VAL B 226 -14.38 9.06 4.72
CA VAL B 226 -13.03 9.44 5.11
C VAL B 226 -11.94 8.54 4.55
N VAL B 227 -10.84 9.16 4.13
CA VAL B 227 -9.68 8.41 3.66
C VAL B 227 -8.57 8.89 4.56
N ALA B 228 -8.06 7.99 5.38
CA ALA B 228 -6.99 8.37 6.31
C ALA B 228 -6.07 7.22 6.65
N LYS B 229 -5.02 7.55 7.39
CA LYS B 229 -4.06 6.56 7.83
C LYS B 229 -4.32 6.29 9.31
N ILE B 230 -4.24 5.02 9.67
CA ILE B 230 -4.45 4.62 11.05
C ILE B 230 -3.11 4.80 11.75
N LEU B 231 -3.03 5.77 12.65
CA LEU B 231 -1.80 6.05 13.37
C LEU B 231 -1.69 5.24 14.66
N GLN B 232 -2.81 4.76 15.16
CA GLN B 232 -2.80 4.01 16.39
C GLN B 232 -4.08 3.19 16.60
N VAL B 233 -3.93 1.98 17.14
CA VAL B 233 -5.07 1.14 17.44
C VAL B 233 -4.95 0.91 18.93
N HIS B 234 -6.01 1.23 19.68
CA HIS B 234 -6.03 1.08 21.13
C HIS B 234 -7.20 0.23 21.61
N GLU B 235 -6.92 -0.88 22.26
CA GLU B 235 -7.98 -1.74 22.76
C GLU B 235 -8.64 -1.12 23.98
N LEU B 236 -9.89 -0.71 23.82
CA LEU B 236 -10.65 -0.12 24.89
C LEU B 236 -11.49 -1.20 25.56
N ASP B 237 -11.66 -2.31 24.85
CA ASP B 237 -12.44 -3.44 25.36
C ASP B 237 -12.13 -4.58 24.43
N GLU B 238 -12.32 -5.80 24.91
CA GLU B 238 -11.99 -6.97 24.12
C GLU B 238 -12.28 -6.81 22.62
N TYR B 239 -13.35 -6.10 22.29
CA TYR B 239 -13.67 -5.93 20.88
C TYR B 239 -13.98 -4.51 20.46
N THR B 240 -13.53 -3.56 21.26
CA THR B 240 -13.69 -2.16 20.95
C THR B 240 -12.29 -1.57 20.73
N ASN B 241 -11.93 -1.41 19.46
CA ASN B 241 -10.64 -0.87 19.08
C ASN B 241 -10.76 0.58 18.68
N GLU B 242 -10.08 1.43 19.42
CA GLU B 242 -10.13 2.84 19.11
C GLU B 242 -9.05 3.14 18.07
N LEU B 243 -9.46 3.72 16.95
CA LEU B 243 -8.55 4.08 15.87
C LEU B 243 -8.23 5.56 15.88
N LYS B 244 -6.95 5.90 15.82
CA LYS B 244 -6.51 7.30 15.76
C LYS B 244 -6.25 7.53 14.28
N LEU B 245 -7.09 8.35 13.65
CA LEU B 245 -6.99 8.64 12.22
C LEU B 245 -6.38 9.99 11.87
N LYS B 246 -5.67 10.04 10.75
CA LYS B 246 -5.10 11.29 10.29
C LYS B 246 -5.07 11.30 8.78
N ASP B 247 -5.52 12.39 8.18
CA ASP B 247 -5.56 12.45 6.72
C ASP B 247 -4.66 13.51 6.11
N ALA B 248 -4.78 13.68 4.81
CA ALA B 248 -3.96 14.66 4.12
C ALA B 248 -4.07 16.06 4.71
N SER B 249 -5.28 16.45 5.14
CA SER B 249 -5.47 17.79 5.71
C SER B 249 -4.77 17.99 7.03
N GLY B 250 -4.10 16.95 7.52
CA GLY B 250 -3.38 17.06 8.77
C GLY B 250 -4.20 17.09 10.06
N GLN B 251 -5.51 16.90 9.95
CA GLN B 251 -6.38 16.91 11.13
C GLN B 251 -6.47 15.49 11.73
N VAL B 252 -6.59 15.38 13.04
CA VAL B 252 -6.67 14.08 13.68
C VAL B 252 -8.00 13.76 14.33
N PHE B 253 -8.59 12.63 13.96
CA PHE B 253 -9.86 12.19 14.52
C PHE B 253 -9.74 10.81 15.12
N TYR B 254 -10.67 10.45 15.98
CA TYR B 254 -10.69 9.12 16.57
C TYR B 254 -12.05 8.47 16.26
N THR B 255 -12.09 7.14 16.24
CA THR B 255 -13.35 6.45 16.01
C THR B 255 -13.23 5.08 16.61
N LEU B 256 -14.36 4.53 17.06
CA LEU B 256 -14.36 3.21 17.65
C LEU B 256 -14.79 2.23 16.57
N SER B 257 -13.98 1.20 16.34
CA SER B 257 -14.35 0.21 15.34
C SER B 257 -14.64 -1.10 16.05
N LEU B 258 -15.69 -1.78 15.63
CA LEU B 258 -16.04 -3.06 16.25
C LEU B 258 -15.11 -4.09 15.67
N LYS B 259 -14.27 -4.65 16.53
CA LYS B 259 -13.29 -5.65 16.13
C LYS B 259 -13.94 -6.91 15.54
N LEU B 260 -15.16 -7.21 15.97
CA LEU B 260 -15.86 -8.39 15.43
C LEU B 260 -16.15 -8.21 13.96
N LYS B 261 -16.46 -6.98 13.53
CA LYS B 261 -16.74 -6.70 12.13
C LYS B 261 -15.46 -6.38 11.33
N PHE B 262 -14.57 -5.60 11.94
CA PHE B 262 -13.36 -5.16 11.28
C PHE B 262 -12.06 -5.64 11.93
N PRO B 263 -11.82 -6.95 11.92
CA PRO B 263 -10.59 -7.48 12.53
C PRO B 263 -9.36 -7.27 11.65
N HIS B 264 -9.53 -6.64 10.51
CA HIS B 264 -8.44 -6.45 9.56
C HIS B 264 -7.68 -5.13 9.66
N VAL B 265 -8.20 -4.17 10.39
CA VAL B 265 -7.51 -2.91 10.46
C VAL B 265 -6.31 -3.00 11.37
N ARG B 266 -5.22 -2.36 10.98
CA ARG B 266 -4.04 -2.35 11.82
C ARG B 266 -3.28 -1.04 11.66
N THR B 267 -2.48 -0.71 12.67
CA THR B 267 -1.69 0.51 12.68
C THR B 267 -0.84 0.66 11.42
N GLY B 268 -0.75 1.88 10.93
CA GLY B 268 0.07 2.14 9.75
C GLY B 268 -0.62 1.97 8.41
N GLU B 269 -1.79 1.35 8.39
CA GLU B 269 -2.49 1.14 7.13
C GLU B 269 -3.44 2.29 6.80
N VAL B 270 -3.70 2.47 5.51
CA VAL B 270 -4.61 3.52 5.07
C VAL B 270 -5.96 2.88 4.81
N VAL B 271 -7.02 3.54 5.27
CA VAL B 271 -8.36 3.03 5.08
C VAL B 271 -9.31 4.08 4.53
N ARG B 272 -10.44 3.62 4.03
CA ARG B 272 -11.46 4.51 3.55
C ARG B 272 -12.67 4.14 4.37
N ILE B 273 -13.20 5.10 5.11
CA ILE B 273 -14.38 4.83 5.91
C ILE B 273 -15.60 5.28 5.12
N ARG B 274 -16.50 4.33 4.89
CA ARG B 274 -17.72 4.61 4.17
C ARG B 274 -18.78 4.94 5.22
N SER B 275 -19.22 6.19 5.18
CA SER B 275 -20.25 6.69 6.07
C SER B 275 -19.89 6.87 7.54
N ALA B 276 -19.54 8.09 7.89
CA ALA B 276 -19.20 8.43 9.26
C ALA B 276 -19.86 9.77 9.51
N THR B 277 -20.30 10.01 10.75
CA THR B 277 -20.87 11.32 11.08
C THR B 277 -19.99 11.90 12.16
N TYR B 278 -20.00 13.22 12.29
CA TYR B 278 -19.20 13.90 13.28
C TYR B 278 -19.93 13.86 14.61
N ASP B 279 -19.22 13.55 15.69
CA ASP B 279 -19.86 13.51 17.00
C ASP B 279 -19.86 14.93 17.57
N GLU B 280 -21.02 15.57 17.58
CA GLU B 280 -21.12 16.92 18.10
C GLU B 280 -20.80 16.97 19.59
N THR B 281 -21.09 15.88 20.28
CA THR B 281 -20.86 15.80 21.71
C THR B 281 -19.42 15.43 22.05
N SER B 282 -18.48 15.70 21.14
CA SER B 282 -17.07 15.40 21.37
C SER B 282 -16.40 16.70 21.73
N THR B 283 -15.82 16.76 22.92
CA THR B 283 -15.17 17.97 23.39
C THR B 283 -13.65 17.95 23.38
N GLN B 284 -13.06 16.86 23.85
CA GLN B 284 -11.60 16.77 23.87
C GLN B 284 -11.09 16.26 22.53
N LYS B 285 -11.43 15.01 22.22
CA LYS B 285 -11.03 14.43 20.96
C LYS B 285 -12.14 14.68 19.96
N LYS B 286 -11.78 14.81 18.69
CA LYS B 286 -12.75 14.96 17.62
C LYS B 286 -13.06 13.51 17.27
N VAL B 287 -14.33 13.13 17.42
CA VAL B 287 -14.74 11.76 17.18
C VAL B 287 -15.67 11.49 16.01
N LEU B 288 -15.40 10.39 15.30
CA LEU B 288 -16.21 9.96 14.17
C LEU B 288 -17.10 8.84 14.69
N ILE B 289 -18.36 8.84 14.29
CA ILE B 289 -19.28 7.81 14.71
C ILE B 289 -19.70 6.98 13.50
N LEU B 290 -19.68 5.66 13.64
CA LEU B 290 -20.04 4.79 12.54
C LEU B 290 -21.41 4.15 12.80
N SER B 291 -22.10 3.77 11.73
CA SER B 291 -23.43 3.17 11.83
C SER B 291 -23.42 1.70 11.47
N HIS B 292 -24.59 1.09 11.55
CA HIS B 292 -24.74 -0.32 11.25
C HIS B 292 -24.43 -0.64 9.79
N TYR B 293 -24.39 0.37 8.93
CA TYR B 293 -24.07 0.14 7.53
C TYR B 293 -22.70 0.67 7.11
N SER B 294 -21.99 1.29 8.06
CA SER B 294 -20.64 1.82 7.78
C SER B 294 -19.66 0.68 7.54
N ASN B 295 -18.62 0.94 6.76
CA ASN B 295 -17.63 -0.08 6.46
C ASN B 295 -16.23 0.54 6.50
N ILE B 296 -15.27 -0.20 7.05
CA ILE B 296 -13.89 0.28 7.10
C ILE B 296 -13.11 -0.48 6.03
N ILE B 297 -12.86 0.17 4.91
CA ILE B 297 -12.20 -0.46 3.77
C ILE B 297 -10.70 -0.19 3.59
N THR B 298 -9.93 -1.27 3.49
CA THR B 298 -8.49 -1.12 3.26
C THR B 298 -8.27 -1.14 1.75
N PHE B 299 -7.02 -0.97 1.33
CA PHE B 299 -6.66 -0.98 -0.10
C PHE B 299 -5.72 -2.13 -0.36
N ILE B 300 -5.78 -2.69 -1.57
CA ILE B 300 -4.87 -3.78 -1.92
C ILE B 300 -3.46 -3.20 -1.91
N GLN B 301 -2.49 -4.03 -1.56
CA GLN B 301 -1.10 -3.60 -1.44
C GLN B 301 -0.55 -2.73 -2.57
N SER B 302 -0.95 -3.00 -3.80
CA SER B 302 -0.42 -2.21 -4.92
C SER B 302 -0.98 -0.79 -5.01
N SER B 303 -1.98 -0.49 -4.20
CA SER B 303 -2.60 0.84 -4.21
C SER B 303 -1.65 2.02 -4.12
N LYS B 304 -1.65 2.81 -5.19
CA LYS B 304 -0.84 4.01 -5.27
C LYS B 304 -1.27 5.04 -4.23
N LEU B 305 -2.59 5.18 -4.06
CA LEU B 305 -3.14 6.13 -3.11
C LEU B 305 -2.70 5.80 -1.69
N ALA B 306 -2.73 4.53 -1.34
CA ALA B 306 -2.32 4.12 -0.01
C ALA B 306 -0.83 4.36 0.19
N LYS B 307 -0.01 3.91 -0.78
CA LYS B 307 1.43 4.11 -0.68
C LYS B 307 1.71 5.57 -0.46
N GLU B 308 1.04 6.41 -1.24
CA GLU B 308 1.21 7.84 -1.15
C GLU B 308 0.90 8.36 0.26
N LEU B 309 -0.26 7.99 0.78
CA LEU B 309 -0.66 8.46 2.11
C LEU B 309 0.17 7.92 3.25
N ARG B 310 0.62 6.66 3.13
CA ARG B 310 1.45 6.09 4.18
C ARG B 310 2.74 6.90 4.27
N ALA B 311 3.10 7.53 3.15
CA ALA B 311 4.31 8.33 3.13
C ALA B 311 4.13 9.75 3.65
N LYS B 312 3.04 10.41 3.27
CA LYS B 312 2.82 11.78 3.71
C LYS B 312 2.38 11.98 5.15
N ILE B 313 1.58 11.07 5.68
CA ILE B 313 1.05 11.23 7.02
C ILE B 313 1.86 10.63 8.15
N GLN B 314 2.24 11.49 9.10
CA GLN B 314 3.01 11.10 10.29
C GLN B 314 2.24 11.61 11.49
N ASP B 315 2.53 11.07 12.66
CA ASP B 315 1.86 11.51 13.87
C ASP B 315 2.80 12.37 14.70
N ASP B 316 2.34 13.54 15.11
CA ASP B 316 3.19 14.41 15.93
C ASP B 316 3.20 13.77 17.30
N HIS B 317 4.31 13.13 17.65
CA HIS B 317 4.43 12.47 18.95
C HIS B 317 5.53 13.05 19.84
N SER B 318 6.02 12.24 20.76
CA SER B 318 7.08 12.63 21.69
C SER B 318 8.22 11.60 21.76
N SER B 329 20.33 2.91 24.90
CA SER B 329 18.87 2.74 24.90
C SER B 329 18.30 2.83 23.48
N LEU B 330 19.12 2.58 22.46
CA LEU B 330 18.67 2.66 21.09
C LEU B 330 17.98 1.38 20.62
N ASN B 331 16.80 1.54 20.04
CA ASN B 331 16.06 0.38 19.58
C ASN B 331 14.98 0.72 18.57
N ALA B 332 14.99 0.00 17.46
CA ALA B 332 13.99 0.16 16.40
C ALA B 332 13.68 1.57 15.90
N VAL B 333 14.70 2.40 15.77
CA VAL B 333 14.48 3.75 15.29
C VAL B 333 15.08 3.90 13.87
N VAL B 334 14.60 4.89 13.12
CA VAL B 334 15.13 5.13 11.79
C VAL B 334 16.50 5.82 12.00
N LEU B 335 17.51 5.35 11.28
CA LEU B 335 18.86 5.88 11.41
C LEU B 335 19.26 6.97 10.42
N THR B 336 18.44 7.16 9.38
CA THR B 336 18.79 8.14 8.37
C THR B 336 17.80 9.27 8.18
N GLU B 337 18.18 10.17 7.29
CA GLU B 337 17.36 11.31 6.93
C GLU B 337 17.44 11.50 5.42
N VAL B 338 16.30 11.58 4.76
CA VAL B 338 16.31 11.74 3.33
C VAL B 338 16.16 13.22 2.99
N ASP B 339 16.85 13.65 1.94
CA ASP B 339 16.76 15.04 1.51
C ASP B 339 15.27 15.37 1.44
N LYS B 340 14.88 16.55 1.90
CA LYS B 340 13.48 16.93 1.90
C LYS B 340 12.83 16.90 0.52
N LYS B 341 13.61 17.10 -0.54
CA LYS B 341 13.04 17.09 -1.87
C LYS B 341 12.38 15.75 -2.23
N HIS B 342 12.61 14.74 -1.41
CA HIS B 342 12.03 13.41 -1.65
C HIS B 342 10.97 13.09 -0.61
N ALA B 343 10.55 14.11 0.14
CA ALA B 343 9.57 13.94 1.21
C ALA B 343 8.28 13.21 0.83
N ALA B 344 7.69 13.57 -0.31
CA ALA B 344 6.45 12.95 -0.73
C ALA B 344 6.67 11.82 -1.73
N LEU B 345 7.82 11.17 -1.65
CA LEU B 345 8.11 10.07 -2.57
C LEU B 345 7.70 8.76 -1.89
N PRO B 346 6.85 7.97 -2.56
CA PRO B 346 6.35 6.69 -2.06
C PRO B 346 7.46 5.66 -1.91
N SER B 347 7.32 4.78 -0.94
CA SER B 347 8.33 3.77 -0.72
C SER B 347 8.05 2.50 -1.52
N THR B 348 9.12 1.82 -1.90
CA THR B 348 9.01 0.59 -2.67
C THR B 348 9.67 -0.53 -1.87
N SER B 349 8.98 -1.65 -1.72
CA SER B 349 9.52 -2.76 -0.98
C SER B 349 10.66 -3.39 -1.75
N LEU B 350 11.57 -4.05 -1.03
CA LEU B 350 12.70 -4.72 -1.65
C LEU B 350 12.16 -5.76 -2.63
N GLN B 351 11.02 -6.34 -2.27
CA GLN B 351 10.37 -7.34 -3.10
C GLN B 351 10.09 -6.74 -4.48
N ASP B 352 9.48 -5.57 -4.51
CA ASP B 352 9.17 -4.89 -5.77
C ASP B 352 10.41 -4.36 -6.44
N LEU B 353 11.37 -3.95 -5.64
CA LEU B 353 12.60 -3.39 -6.13
C LEU B 353 13.48 -4.41 -6.85
N PHE B 354 13.57 -5.62 -6.30
CA PHE B 354 14.41 -6.65 -6.91
C PHE B 354 13.72 -7.77 -7.67
N HIS B 355 12.41 -7.85 -7.64
CA HIS B 355 11.76 -8.95 -8.36
C HIS B 355 10.72 -8.52 -9.38
N HIS B 356 10.36 -7.25 -9.36
CA HIS B 356 9.36 -6.73 -10.28
C HIS B 356 9.87 -5.44 -10.89
N ALA B 357 11.13 -5.11 -10.62
CA ALA B 357 11.75 -3.89 -11.14
C ALA B 357 11.44 -3.71 -12.62
N ASP B 358 11.91 -4.65 -13.44
CA ASP B 358 11.66 -4.60 -14.89
C ASP B 358 10.44 -5.47 -15.21
N SER B 359 9.38 -5.25 -14.44
CA SER B 359 8.15 -6.02 -14.62
C SER B 359 6.93 -5.16 -14.29
N ASP B 360 7.09 -3.84 -14.28
CA ASP B 360 5.98 -2.96 -13.99
C ASP B 360 5.85 -1.76 -14.90
N LYS B 361 4.61 -1.35 -15.13
CA LYS B 361 4.30 -0.20 -15.97
C LYS B 361 4.42 1.06 -15.13
N GLU B 362 5.50 1.11 -14.34
CA GLU B 362 5.78 2.24 -13.45
C GLU B 362 7.24 2.18 -13.04
N LEU B 363 7.64 1.04 -12.46
CA LEU B 363 9.00 0.84 -11.98
C LEU B 363 10.09 0.83 -13.04
N GLN B 364 9.83 0.19 -14.17
CA GLN B 364 10.81 0.10 -15.26
C GLN B 364 10.99 1.47 -15.88
N ALA B 365 10.01 2.34 -15.68
CA ALA B 365 10.04 3.68 -16.21
C ALA B 365 10.93 4.61 -15.40
N GLN B 366 10.78 4.58 -14.07
CA GLN B 366 11.58 5.44 -13.20
C GLN B 366 12.91 4.82 -12.78
N ASP B 367 13.78 5.68 -12.26
CA ASP B 367 15.11 5.28 -11.85
C ASP B 367 15.40 5.61 -10.38
N THR B 368 14.60 6.50 -9.79
CA THR B 368 14.82 6.86 -8.39
C THR B 368 13.71 6.38 -7.46
N PHE B 369 14.11 5.61 -6.46
CA PHE B 369 13.16 5.06 -5.52
C PHE B 369 13.51 5.39 -4.09
N ARG B 370 12.63 4.98 -3.19
CA ARG B 370 12.80 5.16 -1.77
C ARG B 370 12.37 3.85 -1.14
N THR B 371 13.07 3.44 -0.09
CA THR B 371 12.72 2.19 0.56
C THR B 371 13.28 2.19 1.96
N GLN B 372 12.81 1.25 2.77
CA GLN B 372 13.25 1.11 4.15
C GLN B 372 13.69 -0.33 4.36
N PHE B 373 14.73 -0.52 5.16
CA PHE B 373 15.26 -1.85 5.41
C PHE B 373 16.20 -1.86 6.60
N TYR B 374 16.55 -3.06 7.07
CA TYR B 374 17.52 -3.17 8.16
C TYR B 374 18.70 -3.91 7.57
N VAL B 375 19.90 -3.48 7.95
CA VAL B 375 21.14 -4.05 7.45
C VAL B 375 21.53 -5.32 8.21
N THR B 376 21.74 -6.41 7.47
CA THR B 376 22.12 -7.68 8.08
C THR B 376 23.63 -7.88 8.01
N LYS B 377 24.28 -7.11 7.15
CA LYS B 377 25.72 -7.24 7.01
C LYS B 377 26.24 -6.13 6.12
N ILE B 378 27.49 -5.73 6.38
CA ILE B 378 28.13 -4.68 5.60
C ILE B 378 29.43 -5.22 5.01
N GLU B 379 29.65 -5.00 3.72
CA GLU B 379 30.88 -5.45 3.07
C GLU B 379 31.49 -4.25 2.35
N PRO B 380 32.83 -4.18 2.28
CA PRO B 380 33.84 -5.10 2.81
C PRO B 380 33.76 -5.34 4.31
N SER B 381 34.28 -6.49 4.74
CA SER B 381 34.29 -6.84 6.16
C SER B 381 35.26 -5.87 6.83
N ASP B 382 36.39 -5.63 6.16
CA ASP B 382 37.40 -4.71 6.69
C ASP B 382 36.89 -3.29 6.46
N VAL B 383 36.59 -2.58 7.54
CA VAL B 383 36.10 -1.23 7.40
C VAL B 383 37.15 -0.33 6.73
N LYS B 384 38.43 -0.63 6.93
CA LYS B 384 39.49 0.18 6.32
C LYS B 384 39.37 0.17 4.81
N GLU B 385 38.77 -0.87 4.26
CA GLU B 385 38.60 -0.98 2.82
C GLU B 385 37.30 -0.34 2.32
N TRP B 386 36.57 0.32 3.23
CA TRP B 386 35.32 0.99 2.86
C TRP B 386 35.61 2.16 1.94
N VAL B 387 36.74 2.82 2.18
CA VAL B 387 37.15 3.93 1.34
C VAL B 387 38.32 3.50 0.47
N LYS B 388 38.14 3.64 -0.83
CA LYS B 388 39.18 3.25 -1.77
C LYS B 388 39.62 4.38 -2.71
N GLY B 389 40.69 4.11 -3.46
CA GLY B 389 41.21 5.08 -4.41
C GLY B 389 40.49 4.85 -5.72
N TYR B 390 40.21 5.92 -6.46
CA TYR B 390 39.50 5.80 -7.71
C TYR B 390 40.20 6.50 -8.87
N ASP B 391 40.30 5.82 -10.01
CA ASP B 391 40.91 6.38 -11.21
C ASP B 391 39.80 6.82 -12.15
N ARG B 392 39.66 8.11 -12.37
CA ARG B 392 38.62 8.66 -13.25
C ARG B 392 38.66 8.12 -14.67
N LYS B 393 39.86 7.93 -15.21
CA LYS B 393 40.03 7.44 -16.57
C LYS B 393 39.59 5.99 -16.76
N THR B 394 40.02 5.11 -15.86
CA THR B 394 39.69 3.69 -15.98
C THR B 394 38.53 3.24 -15.10
N LYS B 395 38.00 4.16 -14.31
CA LYS B 395 36.89 3.87 -13.41
C LYS B 395 37.22 2.69 -12.49
N LYS B 396 38.50 2.55 -12.18
CA LYS B 396 38.96 1.45 -11.34
C LYS B 396 39.27 1.89 -9.91
N SER B 397 38.79 1.12 -8.94
CA SER B 397 39.03 1.42 -7.54
C SER B 397 40.20 0.57 -7.07
N SER B 398 40.82 0.97 -5.97
CA SER B 398 41.96 0.21 -5.47
C SER B 398 42.17 0.50 -4.00
N SER B 399 42.70 -0.48 -3.27
CA SER B 399 42.96 -0.26 -1.85
C SER B 399 43.87 0.94 -1.68
N LEU B 400 43.82 1.56 -0.50
CA LEU B 400 44.65 2.70 -0.19
C LEU B 400 45.73 2.25 0.79
N LYS B 401 45.88 0.95 0.96
CA LYS B 401 46.89 0.43 1.87
C LYS B 401 48.28 0.62 1.26
N GLY B 402 48.31 1.22 0.08
CA GLY B 402 49.56 1.50 -0.61
C GLY B 402 50.02 2.92 -0.33
N ALA B 403 49.18 3.68 0.38
CA ALA B 403 49.49 5.06 0.75
C ALA B 403 49.50 6.06 -0.40
N SER B 404 48.84 5.73 -1.51
CA SER B 404 48.79 6.63 -2.66
C SER B 404 48.14 7.94 -2.23
N GLY B 405 48.46 9.03 -2.91
CA GLY B 405 47.89 10.30 -2.55
C GLY B 405 47.17 11.01 -3.67
N LYS B 406 46.49 10.25 -4.53
CA LYS B 406 45.76 10.83 -5.65
C LYS B 406 44.61 11.74 -5.21
N GLY B 407 44.34 11.78 -3.91
CA GLY B 407 43.28 12.63 -3.39
C GLY B 407 41.86 12.17 -3.63
N ASP B 408 41.55 11.81 -4.87
CA ASP B 408 40.20 11.34 -5.19
C ASP B 408 39.88 10.04 -4.47
N ASN B 409 39.23 10.12 -3.33
CA ASN B 409 38.85 8.92 -2.61
C ASN B 409 37.34 8.78 -2.66
N ILE B 410 36.85 7.55 -2.56
CA ILE B 410 35.42 7.31 -2.61
C ILE B 410 35.03 6.23 -1.63
N PHE B 411 33.73 5.98 -1.51
CA PHE B 411 33.23 4.92 -0.67
C PHE B 411 32.68 3.88 -1.62
N GLN B 412 32.85 2.62 -1.27
CA GLN B 412 32.32 1.53 -2.08
C GLN B 412 31.86 0.45 -1.09
N VAL B 413 30.78 0.78 -0.39
CA VAL B 413 30.23 -0.10 0.61
C VAL B 413 28.95 -0.81 0.14
N GLN B 414 28.76 -2.02 0.62
CA GLN B 414 27.60 -2.82 0.29
C GLN B 414 26.80 -3.15 1.54
N PHE B 415 25.49 -2.96 1.46
CA PHE B 415 24.63 -3.30 2.57
C PHE B 415 23.79 -4.48 2.16
N LEU B 416 23.88 -5.57 2.90
CA LEU B 416 23.04 -6.72 2.61
C LEU B 416 21.83 -6.40 3.48
N VAL B 417 20.69 -6.24 2.82
CA VAL B 417 19.49 -5.83 3.50
C VAL B 417 18.27 -6.72 3.41
N LYS B 418 17.30 -6.39 4.25
CA LYS B 418 16.04 -7.10 4.30
C LYS B 418 14.95 -6.15 4.79
N ASP B 419 13.70 -6.53 4.57
CA ASP B 419 12.54 -5.78 5.05
C ASP B 419 11.45 -6.85 5.24
N ALA B 420 10.25 -6.44 5.63
CA ALA B 420 9.19 -7.42 5.85
C ALA B 420 8.86 -8.27 4.62
N SER B 421 8.95 -7.68 3.42
CA SER B 421 8.62 -8.39 2.20
C SER B 421 9.64 -9.43 1.80
N THR B 422 10.82 -9.38 2.43
CA THR B 422 11.88 -10.31 2.07
C THR B 422 12.55 -11.12 3.17
N GLN B 423 12.41 -10.69 4.42
CA GLN B 423 13.06 -11.40 5.52
C GLN B 423 12.75 -12.87 5.68
N LEU B 424 11.58 -13.32 5.23
CA LEU B 424 11.25 -14.73 5.36
C LEU B 424 11.85 -15.61 4.26
N ASN B 425 12.44 -14.99 3.24
CA ASN B 425 13.06 -15.76 2.16
C ASN B 425 14.57 -15.81 2.39
N ASN B 426 15.27 -16.69 1.69
CA ASN B 426 16.71 -16.78 1.90
C ASN B 426 17.56 -16.20 0.77
N ASN B 427 17.11 -15.09 0.19
CA ASN B 427 17.87 -14.41 -0.83
C ASN B 427 18.64 -13.31 -0.14
N THR B 428 19.64 -12.79 -0.82
CA THR B 428 20.40 -11.69 -0.26
C THR B 428 20.10 -10.52 -1.16
N TYR B 429 19.92 -9.34 -0.58
CA TYR B 429 19.61 -8.15 -1.34
C TYR B 429 20.66 -7.11 -1.01
N ARG B 430 21.29 -6.59 -2.06
CA ARG B 430 22.36 -5.62 -1.89
C ARG B 430 21.97 -4.23 -2.32
N VAL B 431 22.32 -3.27 -1.48
CA VAL B 431 22.09 -1.87 -1.77
C VAL B 431 23.51 -1.33 -1.68
N LEU B 432 23.90 -0.48 -2.64
CA LEU B 432 25.26 0.04 -2.65
C LEU B 432 25.41 1.48 -2.26
N LEU B 433 26.58 1.76 -1.69
CA LEU B 433 26.94 3.10 -1.29
C LEU B 433 28.26 3.33 -2.06
N TYR B 434 28.15 3.49 -3.37
CA TYR B 434 29.29 3.70 -4.26
C TYR B 434 29.29 5.16 -4.70
N THR B 435 30.24 5.93 -4.19
CA THR B 435 30.29 7.36 -4.46
C THR B 435 31.22 7.94 -5.55
N GLN B 436 31.68 7.13 -6.50
CA GLN B 436 32.58 7.66 -7.54
C GLN B 436 31.90 8.76 -8.34
N ASP B 437 30.57 8.82 -8.28
CA ASP B 437 29.86 9.84 -9.02
C ASP B 437 29.04 10.76 -8.12
N GLY B 438 29.42 10.83 -6.85
CA GLY B 438 28.71 11.70 -5.93
C GLY B 438 27.53 11.08 -5.20
N LEU B 439 26.82 10.17 -5.85
CA LEU B 439 25.68 9.54 -5.19
C LEU B 439 26.10 8.93 -3.86
N GLY B 440 25.50 9.41 -2.77
CA GLY B 440 25.78 8.89 -1.46
C GLY B 440 27.04 9.42 -0.80
N ALA B 441 27.66 10.41 -1.42
CA ALA B 441 28.88 11.00 -0.89
C ALA B 441 28.80 11.40 0.58
N ASN B 442 27.64 11.88 1.01
CA ASN B 442 27.50 12.34 2.40
C ASN B 442 26.79 11.39 3.34
N PHE B 443 26.53 10.16 2.91
CA PHE B 443 25.81 9.24 3.76
C PHE B 443 26.37 9.16 5.18
N PHE B 444 27.65 8.84 5.31
CA PHE B 444 28.27 8.67 6.61
C PHE B 444 28.67 9.92 7.36
N ASN B 445 28.48 11.09 6.76
CA ASN B 445 28.84 12.34 7.42
C ASN B 445 30.32 12.35 7.78
N VAL B 446 31.12 11.72 6.93
CA VAL B 446 32.55 11.64 7.13
C VAL B 446 33.16 11.68 5.74
N LYS B 447 34.21 12.47 5.58
CA LYS B 447 34.88 12.56 4.29
C LYS B 447 35.62 11.27 4.03
N ALA B 448 35.77 10.93 2.75
CA ALA B 448 36.46 9.71 2.37
C ALA B 448 37.98 9.89 2.49
N ASP B 449 38.52 9.56 3.65
CA ASP B 449 39.96 9.68 3.88
C ASP B 449 40.55 8.29 3.90
N ASN B 450 41.88 8.23 3.79
CA ASN B 450 42.57 6.97 3.84
C ASN B 450 42.34 6.43 5.25
N LEU B 451 41.52 5.38 5.37
CA LEU B 451 41.21 4.81 6.68
C LEU B 451 42.35 3.96 7.22
N HIS B 452 43.38 3.81 6.41
CA HIS B 452 44.54 3.03 6.83
C HIS B 452 45.44 3.95 7.65
N LYS B 453 45.29 5.25 7.42
CA LYS B 453 46.08 6.24 8.14
C LYS B 453 45.26 6.91 9.24
N ASN B 454 44.13 7.50 8.87
CA ASN B 454 43.27 8.18 9.84
C ASN B 454 42.55 7.18 10.73
N ALA B 455 43.01 7.03 11.97
CA ALA B 455 42.43 6.09 12.91
C ALA B 455 41.07 6.52 13.44
N ASP B 456 40.85 7.83 13.54
CA ASP B 456 39.58 8.32 14.06
C ASP B 456 38.45 8.10 13.08
N ALA B 457 38.70 8.41 11.82
CA ALA B 457 37.68 8.23 10.79
C ALA B 457 37.25 6.78 10.76
N ARG B 458 38.23 5.88 10.91
CA ARG B 458 37.96 4.45 10.90
C ARG B 458 37.04 4.04 12.03
N LYS B 459 37.37 4.46 13.25
CA LYS B 459 36.57 4.12 14.41
C LYS B 459 35.17 4.69 14.28
N LYS B 460 35.09 5.93 13.79
CA LYS B 460 33.80 6.58 13.58
C LYS B 460 32.93 5.72 12.67
N LEU B 461 33.54 5.21 11.59
CA LEU B 461 32.82 4.36 10.66
C LEU B 461 32.52 3.00 11.29
N GLU B 462 33.42 2.52 12.15
CA GLU B 462 33.19 1.24 12.81
C GLU B 462 31.96 1.33 13.72
N ASP B 463 31.76 2.49 14.34
CA ASP B 463 30.60 2.66 15.21
C ASP B 463 29.34 2.62 14.36
N SER B 464 29.40 3.27 13.20
CA SER B 464 28.26 3.31 12.29
C SER B 464 27.88 1.89 11.87
N ALA B 465 28.88 1.05 11.61
CA ALA B 465 28.61 -0.33 11.21
C ALA B 465 27.84 -1.04 12.31
N GLU B 466 28.24 -0.82 13.55
CA GLU B 466 27.57 -1.43 14.69
C GLU B 466 26.13 -0.91 14.77
N LEU B 467 26.02 0.42 14.67
CA LEU B 467 24.75 1.12 14.72
C LEU B 467 23.78 0.65 13.63
N LEU B 468 24.30 0.32 12.47
CA LEU B 468 23.47 -0.11 11.36
C LEU B 468 23.08 -1.58 11.44
N THR B 469 23.66 -2.32 12.36
CA THR B 469 23.40 -3.74 12.44
C THR B 469 23.06 -4.36 13.79
N LYS B 470 23.22 -3.62 14.88
CA LYS B 470 22.96 -4.22 16.17
C LYS B 470 21.94 -3.61 17.12
N PHE B 471 21.03 -2.79 16.60
CA PHE B 471 20.03 -2.18 17.48
C PHE B 471 18.62 -2.16 16.91
N ASN B 472 18.28 -3.18 16.13
CA ASN B 472 16.96 -3.27 15.53
C ASN B 472 16.59 -1.98 14.85
N SER B 473 17.58 -1.23 14.43
CA SER B 473 17.30 0.03 13.78
C SER B 473 17.24 -0.16 12.28
N TYR B 474 16.69 0.82 11.57
CA TYR B 474 16.57 0.67 10.14
C TYR B 474 16.95 1.91 9.33
N VAL B 475 17.17 1.67 8.05
CA VAL B 475 17.55 2.71 7.10
C VAL B 475 16.38 3.08 6.20
N ASP B 476 16.19 4.39 6.04
CA ASP B 476 15.19 4.95 5.16
C ASP B 476 16.07 5.69 4.15
N ALA B 477 16.14 5.17 2.94
CA ALA B 477 16.99 5.78 1.93
C ALA B 477 16.37 5.90 0.55
N VAL B 478 16.92 6.84 -0.19
CA VAL B 478 16.51 7.04 -1.56
C VAL B 478 17.62 6.39 -2.39
N VAL B 479 17.24 5.66 -3.42
CA VAL B 479 18.23 5.00 -4.26
C VAL B 479 17.93 5.24 -5.74
N GLU B 480 18.99 5.14 -6.55
CA GLU B 480 18.88 5.32 -7.98
C GLU B 480 19.42 4.09 -8.66
N ARG B 481 18.66 3.53 -9.60
CA ARG B 481 19.13 2.36 -10.31
C ARG B 481 20.22 2.80 -11.26
N ARG B 482 21.34 2.09 -11.25
CA ARG B 482 22.48 2.40 -12.11
C ARG B 482 23.25 1.15 -12.49
N ASN B 483 22.99 0.65 -13.70
CA ASN B 483 23.66 -0.53 -14.19
C ASN B 483 23.28 -1.77 -13.38
N GLY B 484 21.98 -1.91 -13.14
CA GLY B 484 21.48 -3.05 -12.39
C GLY B 484 21.77 -3.05 -10.91
N PHE B 485 22.07 -1.88 -10.36
CA PHE B 485 22.34 -1.76 -8.94
C PHE B 485 21.65 -0.54 -8.38
N TYR B 486 21.26 -0.63 -7.12
CA TYR B 486 20.61 0.49 -6.47
C TYR B 486 21.66 1.20 -5.60
N LEU B 487 21.98 2.44 -5.93
CA LEU B 487 22.97 3.17 -5.14
C LEU B 487 22.25 4.18 -4.27
N ILE B 488 22.63 4.23 -3.00
CA ILE B 488 22.03 5.15 -2.07
C ILE B 488 22.44 6.58 -2.42
N LYS B 489 21.51 7.53 -2.29
CA LYS B 489 21.79 8.93 -2.57
C LYS B 489 20.84 9.84 -1.78
N ASP B 490 21.25 11.09 -1.60
CA ASP B 490 20.43 12.07 -0.89
C ASP B 490 19.93 11.52 0.45
N THR B 491 20.77 10.76 1.12
CA THR B 491 20.42 10.15 2.39
C THR B 491 21.58 10.23 3.33
N LYS B 492 21.35 10.58 4.58
CA LYS B 492 22.45 10.63 5.51
C LYS B 492 22.05 10.19 6.91
N LEU B 493 23.02 9.63 7.62
CA LEU B 493 22.81 9.17 8.98
C LEU B 493 22.54 10.36 9.88
N ILE B 494 21.75 10.14 10.93
CA ILE B 494 21.45 11.22 11.86
C ILE B 494 21.95 10.76 13.21
N TYR B 495 22.86 9.78 13.17
CA TYR B 495 23.46 9.19 14.34
C TYR B 495 24.93 8.97 14.05
#